data_5JUW
#
_entry.id   5JUW
#
_cell.length_a   153.258
_cell.length_b   153.258
_cell.length_c   50.723
_cell.angle_alpha   90.000
_cell.angle_beta   90.000
_cell.angle_gamma   120.000
#
_symmetry.space_group_name_H-M   'P 65'
#
loop_
_entity.id
_entity.type
_entity.pdbx_description
1 polymer 'Histone-lysine N-methyltransferase, H3 lysine-79 specific'
2 non-polymer 'UNKNOWN ATOM OR ION'
3 non-polymer '(2~{S})-2-azanyl-4-[[(2~{S},3~{S},4~{R},5~{R})-5-(4-azanyl-5-cyano-pyrrolo[2,3-d]pyrimidin-7-yl)-3,4-bis(oxidanyl)oxolan-2-yl]methylsulfanyl]butanoic acid'
4 water water
#
_entity_poly.entity_id   1
_entity_poly.type   'polypeptide(L)'
_entity_poly.pdbx_seq_one_letter_code
;GMGEKLELRLKSPVGAEPAVYPWPLPVYDKHHDAAHEIIETIRWVCEEIPDLKLAMENYVLIDYDTKSFESMQRLCDKYN
RAIDSIHQLWKGTTQPMKLNTRPSTGLLRHILQQVYNHSVTDPEKLNNYEPFSPEVYGETSFDLVAQMIDEIKMTDDDLF
VDLGSGVGQVVLQVAAATNCKHHYGVEKADIPAKYAETMDREFRKWMKWYGKKHAEYTLERGDFLSEEWRERIANTSVIF
VNNFAFGPEVDHQLKERFANMKEGGRIVSSKPFAPLNFRINSRNLSDIGTIMRVVELSPLKGSVSWTGKPVSYYLHTIDR
TILENYFSSLKNPKLREEQEAARRRQQRESKSNAATPTKGPEGKVAGPADAPMDSGAEEEKAGAATVKKPSPSKARKKKL
NKKGRKMAGRKRGRPKKMNTA
;
_entity_poly.pdbx_strand_id   A
#
# COMPACT_ATOMS: atom_id res chain seq x y z
CA LYS A 5 -16.95 -5.49 31.28
C LYS A 5 -16.72 -4.08 30.72
N LEU A 6 -15.62 -3.44 31.15
CA LEU A 6 -15.27 -2.07 30.73
C LEU A 6 -14.82 -1.98 29.25
N GLU A 7 -15.20 -0.86 28.60
CA GLU A 7 -14.91 -0.64 27.18
C GLU A 7 -15.08 0.85 26.79
N LEU A 8 -14.38 1.27 25.73
CA LEU A 8 -14.50 2.62 25.14
C LEU A 8 -15.03 2.49 23.73
N ARG A 9 -15.79 3.50 23.29
CA ARG A 9 -16.55 3.43 22.05
C ARG A 9 -16.37 4.74 21.32
N LEU A 10 -16.13 4.67 20.01
CA LEU A 10 -16.15 5.82 19.14
C LEU A 10 -17.19 5.61 18.08
N LYS A 11 -18.15 6.52 18.02
CA LYS A 11 -19.16 6.52 16.96
C LYS A 11 -18.55 6.91 15.61
N SER A 12 -19.01 6.28 14.54
CA SER A 12 -18.60 6.60 13.21
C SER A 12 -19.16 7.94 12.79
N PRO A 13 -18.38 8.77 12.07
CA PRO A 13 -18.95 9.99 11.50
C PRO A 13 -20.04 9.79 10.44
N VAL A 14 -20.15 8.59 9.85
CA VAL A 14 -21.18 8.32 8.83
C VAL A 14 -22.13 7.19 9.28
N GLY A 15 -22.24 6.96 10.57
CA GLY A 15 -23.22 6.00 11.07
C GLY A 15 -22.93 4.51 10.87
N ALA A 16 -21.69 4.13 10.60
CA ALA A 16 -21.30 2.70 10.66
C ALA A 16 -21.29 2.23 12.12
N GLU A 17 -21.05 0.93 12.34
CA GLU A 17 -21.03 0.39 13.73
C GLU A 17 -19.88 1.07 14.49
N PRO A 18 -20.10 1.42 15.75
CA PRO A 18 -19.07 2.10 16.48
C PRO A 18 -17.82 1.24 16.68
N ALA A 19 -16.65 1.87 16.77
CA ALA A 19 -15.43 1.18 17.08
C ALA A 19 -15.40 0.95 18.59
N VAL A 20 -15.13 -0.30 19.00
CA VAL A 20 -15.18 -0.72 20.40
C VAL A 20 -13.80 -1.13 20.84
N TYR A 21 -13.32 -0.56 21.94
CA TYR A 21 -11.99 -0.89 22.47
C TYR A 21 -12.12 -1.40 23.92
N PRO A 22 -11.54 -2.58 24.24
CA PRO A 22 -11.59 -3.04 25.61
C PRO A 22 -10.71 -2.22 26.54
N TRP A 23 -10.99 -2.26 27.81
CA TRP A 23 -10.11 -1.71 28.85
C TRP A 23 -9.57 -2.89 29.70
N PRO A 24 -8.28 -2.91 30.05
CA PRO A 24 -7.31 -1.87 29.71
C PRO A 24 -6.95 -1.90 28.24
N LEU A 25 -6.50 -0.75 27.74
CA LEU A 25 -6.25 -0.57 26.32
C LEU A 25 -4.93 -1.28 25.97
N PRO A 26 -4.90 -2.01 24.86
CA PRO A 26 -3.68 -2.71 24.55
C PRO A 26 -2.59 -1.84 23.93
N VAL A 27 -1.39 -2.38 23.98
CA VAL A 27 -0.20 -1.83 23.36
C VAL A 27 0.19 -2.69 22.14
N TYR A 28 0.57 -2.05 21.05
CA TYR A 28 0.96 -2.75 19.85
C TYR A 28 2.46 -2.97 19.71
N ASP A 29 3.28 -1.98 20.05
CA ASP A 29 4.75 -2.10 20.00
C ASP A 29 5.24 -0.97 20.83
N LYS A 30 6.56 -0.78 20.91
CA LYS A 30 7.21 0.26 21.77
C LYS A 30 6.68 1.68 21.53
N HIS A 31 6.24 1.95 20.30
CA HIS A 31 5.80 3.29 19.88
C HIS A 31 4.32 3.44 19.53
N HIS A 32 3.53 2.35 19.57
CA HIS A 32 2.11 2.41 19.23
C HIS A 32 1.23 1.66 20.24
N ASP A 33 0.21 2.34 20.73
CA ASP A 33 -0.79 1.73 21.56
C ASP A 33 -2.20 2.22 21.20
N ALA A 34 -3.21 1.55 21.77
CA ALA A 34 -4.59 1.81 21.41
C ALA A 34 -5.07 3.20 21.92
N ALA A 35 -4.51 3.67 23.03
CA ALA A 35 -4.89 4.96 23.57
C ALA A 35 -4.55 6.04 22.60
N HIS A 36 -3.36 6.00 22.05
CA HIS A 36 -2.90 6.95 21.00
CA HIS A 36 -2.97 7.02 21.08
C HIS A 36 -3.66 6.82 19.70
N GLU A 37 -4.03 5.59 19.36
CA GLU A 37 -4.86 5.34 18.18
C GLU A 37 -6.24 6.05 18.30
N ILE A 38 -6.84 5.96 19.48
CA ILE A 38 -8.07 6.68 19.80
C ILE A 38 -7.96 8.21 19.62
N ILE A 39 -6.99 8.86 20.27
CA ILE A 39 -6.77 10.31 20.17
C ILE A 39 -6.51 10.71 18.73
N GLU A 40 -5.73 9.93 17.98
CA GLU A 40 -5.46 10.25 16.58
C GLU A 40 -6.64 10.05 15.69
N THR A 41 -7.39 8.99 15.97
CA THR A 41 -8.67 8.78 15.25
C THR A 41 -9.63 9.98 15.43
N ILE A 42 -9.77 10.49 16.65
CA ILE A 42 -10.65 11.65 16.90
C ILE A 42 -10.11 12.87 16.11
N ARG A 43 -8.80 12.98 16.14
CA ARG A 43 -8.12 14.05 15.45
C ARG A 43 -8.41 14.03 13.92
N TRP A 44 -8.32 12.85 13.31
CA TRP A 44 -8.52 12.71 11.89
C TRP A 44 -9.97 12.90 11.48
N VAL A 45 -10.92 12.45 12.31
CA VAL A 45 -12.34 12.70 11.99
C VAL A 45 -12.55 14.22 12.06
N CYS A 46 -11.88 14.88 12.98
CA CYS A 46 -11.94 16.34 13.07
C CYS A 46 -11.47 17.03 11.78
N GLU A 47 -10.49 16.44 11.10
CA GLU A 47 -10.07 16.93 9.78
C GLU A 47 -11.07 16.64 8.69
N GLU A 48 -11.83 15.55 8.79
CA GLU A 48 -12.89 15.27 7.81
C GLU A 48 -14.02 16.24 8.01
N ILE A 49 -14.26 16.69 9.24
CA ILE A 49 -15.45 17.54 9.51
C ILE A 49 -15.13 18.81 10.28
N PRO A 50 -15.12 19.97 9.59
CA PRO A 50 -14.90 21.26 10.23
C PRO A 50 -15.76 21.54 11.44
N ASP A 51 -17.07 21.26 11.35
CA ASP A 51 -17.94 21.52 12.49
C ASP A 51 -17.55 20.72 13.73
N LEU A 52 -17.08 19.49 13.52
CA LEU A 52 -16.61 18.66 14.62
C LEU A 52 -15.33 19.23 15.23
N LYS A 53 -14.40 19.64 14.39
CA LYS A 53 -13.18 20.31 14.86
C LYS A 53 -13.51 21.53 15.70
N LEU A 54 -14.42 22.36 15.23
CA LEU A 54 -14.93 23.50 16.04
C LEU A 54 -15.46 23.07 17.40
N ALA A 55 -16.22 21.99 17.44
CA ALA A 55 -16.80 21.53 18.71
C ALA A 55 -15.73 20.98 19.62
N MET A 56 -14.70 20.34 19.07
CA MET A 56 -13.61 19.86 19.90
C MET A 56 -12.61 20.95 20.34
N GLU A 57 -12.50 22.09 19.62
CA GLU A 57 -11.55 23.17 20.00
C GLU A 57 -11.78 23.63 21.46
N ASN A 58 -13.06 23.75 21.85
N TYR A 64 -6.53 14.95 30.93
CA TYR A 64 -6.01 14.49 29.62
C TYR A 64 -4.89 13.39 29.73
N ASP A 65 -5.30 12.18 30.15
CA ASP A 65 -4.37 11.18 30.73
C ASP A 65 -4.67 9.72 30.33
N THR A 66 -3.78 9.14 29.51
CA THR A 66 -4.01 7.82 28.89
C THR A 66 -4.03 6.65 29.90
N LYS A 67 -3.43 6.84 31.07
CA LYS A 67 -3.48 5.86 32.15
C LYS A 67 -4.86 5.72 32.80
N SER A 68 -5.69 6.77 32.71
CA SER A 68 -6.96 6.82 33.43
C SER A 68 -8.17 6.44 32.54
N PHE A 69 -8.94 5.44 32.98
CA PHE A 69 -10.16 5.06 32.29
C PHE A 69 -11.15 6.25 32.20
N GLU A 70 -11.53 6.79 33.36
CA GLU A 70 -12.36 8.00 33.44
C GLU A 70 -11.87 9.10 32.47
N SER A 71 -10.56 9.38 32.41
CA SER A 71 -10.07 10.54 31.59
C SER A 71 -10.26 10.33 30.06
N MET A 72 -10.19 9.06 29.66
CA MET A 72 -10.31 8.59 28.26
C MET A 72 -11.78 8.43 27.86
N GLN A 73 -12.60 7.88 28.78
CA GLN A 73 -14.09 7.92 28.63
C GLN A 73 -14.63 9.35 28.43
N ARG A 74 -14.04 10.30 29.14
CA ARG A 74 -14.38 11.70 29.04
C ARG A 74 -14.06 12.21 27.64
N LEU A 75 -12.91 11.80 27.09
CA LEU A 75 -12.55 12.20 25.73
C LEU A 75 -13.51 11.54 24.72
N CYS A 76 -13.73 10.24 24.86
CA CYS A 76 -14.59 9.51 23.93
C CYS A 76 -16.03 10.06 23.93
N ASP A 77 -16.54 10.41 25.13
CA ASP A 77 -17.90 10.94 25.25
C ASP A 77 -18.01 12.31 24.70
N LYS A 78 -16.97 13.12 24.87
CA LYS A 78 -16.98 14.44 24.27
C LYS A 78 -17.03 14.34 22.72
N TYR A 79 -16.28 13.42 22.14
CA TYR A 79 -16.31 13.22 20.70
C TYR A 79 -17.69 12.65 20.27
N ASN A 80 -18.18 11.66 20.98
CA ASN A 80 -19.47 11.04 20.70
C ASN A 80 -20.66 12.02 20.75
N ARG A 81 -20.69 12.90 21.75
CA ARG A 81 -21.74 13.93 21.83
C ARG A 81 -21.62 14.90 20.66
N ALA A 82 -20.41 15.28 20.31
CA ALA A 82 -20.19 16.17 19.15
C ALA A 82 -20.64 15.49 17.86
N ILE A 83 -20.33 14.20 17.70
CA ILE A 83 -20.83 13.44 16.54
C ILE A 83 -22.38 13.39 16.47
N ASP A 84 -23.05 13.23 17.61
CA ASP A 84 -24.51 13.31 17.63
C ASP A 84 -25.02 14.65 17.13
N SER A 85 -24.41 15.75 17.54
CA SER A 85 -24.87 17.09 17.11
C SER A 85 -24.62 17.32 15.63
N ILE A 86 -23.49 16.86 15.13
CA ILE A 86 -23.22 16.89 13.68
C ILE A 86 -24.31 16.16 12.89
N HIS A 87 -24.64 14.95 13.33
CA HIS A 87 -25.70 14.18 12.72
C HIS A 87 -27.07 14.90 12.68
N GLN A 88 -27.37 15.73 13.65
CA GLN A 88 -28.58 16.57 13.68
C GLN A 88 -28.48 17.79 12.74
N LEU A 89 -27.29 18.34 12.67
CA LEU A 89 -26.96 19.40 11.71
C LEU A 89 -27.22 18.89 10.29
N TRP A 90 -26.82 17.66 10.04
CA TRP A 90 -27.06 17.06 8.76
C TRP A 90 -28.55 16.82 8.44
N LYS A 91 -29.40 16.62 9.44
CA LYS A 91 -30.84 16.50 9.15
C LYS A 91 -31.48 17.86 8.83
N GLY A 92 -30.84 18.95 9.23
CA GLY A 92 -31.26 20.30 8.89
C GLY A 92 -30.81 20.74 7.51
N THR A 93 -30.44 22.03 7.41
CA THR A 93 -29.99 22.64 6.14
C THR A 93 -28.54 22.23 5.70
N THR A 94 -27.67 21.89 6.67
CA THR A 94 -26.26 21.59 6.38
C THR A 94 -26.07 20.36 5.48
N GLN A 95 -25.29 20.52 4.40
CA GLN A 95 -24.95 19.41 3.51
C GLN A 95 -24.10 18.40 4.30
N PRO A 96 -24.51 17.10 4.30
CA PRO A 96 -23.67 16.10 4.96
C PRO A 96 -22.39 15.91 4.19
N MET A 97 -21.32 15.63 4.93
CA MET A 97 -20.00 15.30 4.37
C MET A 97 -20.18 14.42 3.13
N LYS A 98 -19.48 14.78 2.03
CA LYS A 98 -19.48 13.97 0.82
C LYS A 98 -18.92 12.59 1.17
N LEU A 99 -19.60 11.54 0.66
CA LEU A 99 -19.33 10.14 1.06
C LEU A 99 -18.46 9.33 0.06
N ASN A 100 -18.47 9.70 -1.21
CA ASN A 100 -17.78 8.89 -2.21
C ASN A 100 -16.28 9.30 -2.40
N THR A 101 -15.61 9.87 -1.38
CA THR A 101 -14.26 10.44 -1.62
C THR A 101 -13.13 9.59 -1.07
N ARG A 102 -11.93 9.81 -1.62
CA ARG A 102 -10.72 9.14 -1.17
C ARG A 102 -10.17 9.89 0.00
N PRO A 103 -9.47 9.19 0.88
CA PRO A 103 -8.83 9.84 2.01
C PRO A 103 -7.66 10.66 1.59
N SER A 104 -7.36 11.71 2.33
CA SER A 104 -6.14 12.44 2.14
C SER A 104 -4.97 11.51 2.48
N THR A 105 -3.78 11.92 2.11
CA THR A 105 -2.57 11.15 2.38
C THR A 105 -2.38 10.95 3.89
N GLY A 106 -2.54 12.03 4.64
CA GLY A 106 -2.47 12.04 6.11
C GLY A 106 -3.43 11.04 6.77
N LEU A 107 -4.69 11.08 6.36
CA LEU A 107 -5.69 10.17 6.90
C LEU A 107 -5.37 8.75 6.55
N LEU A 108 -4.97 8.54 5.29
CA LEU A 108 -4.61 7.21 4.82
C LEU A 108 -3.48 6.59 5.62
N ARG A 109 -2.45 7.37 5.89
CA ARG A 109 -1.36 6.92 6.73
C ARG A 109 -1.91 6.42 8.07
N HIS A 110 -2.73 7.26 8.73
CA HIS A 110 -3.38 6.84 9.98
C HIS A 110 -4.23 5.56 9.84
N ILE A 111 -5.06 5.49 8.80
CA ILE A 111 -5.89 4.31 8.57
C ILE A 111 -5.05 3.00 8.43
N LEU A 112 -3.94 3.08 7.70
CA LEU A 112 -3.10 1.89 7.48
C LEU A 112 -2.38 1.51 8.70
N GLN A 113 -1.94 2.49 9.46
CA GLN A 113 -1.34 2.21 10.75
C GLN A 113 -2.31 1.41 11.66
N GLN A 114 -3.53 1.88 11.70
CA GLN A 114 -4.59 1.33 12.55
C GLN A 114 -4.96 -0.07 12.06
N VAL A 115 -5.09 -0.24 10.73
CA VAL A 115 -5.39 -1.54 10.15
C VAL A 115 -4.25 -2.53 10.46
N TYR A 116 -3.02 -2.08 10.27
CA TYR A 116 -1.88 -2.94 10.57
C TYR A 116 -1.89 -3.39 12.03
N ASN A 117 -2.07 -2.45 12.92
CA ASN A 117 -2.02 -2.79 14.38
C ASN A 117 -3.15 -3.71 14.83
N HIS A 118 -4.33 -3.55 14.25
CA HIS A 118 -5.44 -4.45 14.55
C HIS A 118 -5.27 -5.83 13.86
N SER A 119 -4.48 -5.92 12.77
CA SER A 119 -4.32 -7.17 11.99
C SER A 119 -3.07 -7.97 12.32
N VAL A 120 -1.94 -7.29 12.39
CA VAL A 120 -0.68 -8.01 12.55
C VAL A 120 -0.44 -8.18 14.03
N THR A 121 -1.03 -9.22 14.59
CA THR A 121 -1.15 -9.33 16.06
C THR A 121 0.16 -9.66 16.70
N ASP A 122 0.97 -10.49 16.02
CA ASP A 122 2.31 -10.74 16.49
C ASP A 122 3.38 -10.47 15.41
N PRO A 123 3.88 -9.21 15.36
CA PRO A 123 4.72 -8.78 14.22
C PRO A 123 6.00 -9.55 14.09
N GLU A 124 6.56 -10.05 15.19
CA GLU A 124 7.81 -10.82 15.15
CA GLU A 124 7.80 -10.82 15.15
C GLU A 124 7.64 -12.11 14.33
N LYS A 125 6.41 -12.64 14.25
CA LYS A 125 6.18 -13.87 13.44
C LYS A 125 6.52 -13.66 11.95
N LEU A 126 6.47 -12.40 11.47
CA LEU A 126 6.88 -12.03 10.10
C LEU A 126 8.39 -12.16 9.83
N ASN A 127 9.19 -12.30 10.87
CA ASN A 127 10.64 -12.51 10.72
C ASN A 127 11.04 -13.95 10.82
N ASN A 128 10.07 -14.86 10.85
CA ASN A 128 10.33 -16.30 10.83
C ASN A 128 10.36 -16.88 9.40
N TYR A 129 11.07 -16.18 8.51
CA TYR A 129 11.36 -16.68 7.19
C TYR A 129 12.78 -17.31 7.24
N GLU A 130 13.09 -18.17 6.27
CA GLU A 130 14.43 -18.65 6.04
C GLU A 130 15.27 -17.46 5.54
N PRO A 131 16.35 -17.11 6.27
CA PRO A 131 17.27 -16.11 5.75
C PRO A 131 18.01 -16.55 4.52
N PHE A 132 18.46 -15.57 3.73
CA PHE A 132 19.20 -15.80 2.50
C PHE A 132 18.40 -16.61 1.51
N SER A 133 17.09 -16.37 1.44
CA SER A 133 16.21 -17.06 0.54
C SER A 133 15.30 -16.04 -0.12
N PRO A 134 14.60 -16.43 -1.20
CA PRO A 134 13.60 -15.51 -1.76
C PRO A 134 12.41 -15.24 -0.83
N GLU A 135 12.29 -15.95 0.27
CA GLU A 135 11.22 -15.70 1.24
C GLU A 135 11.48 -14.52 2.21
N VAL A 136 12.66 -13.88 2.14
CA VAL A 136 12.98 -12.78 3.05
C VAL A 136 11.86 -11.73 2.96
N TYR A 137 11.40 -11.29 4.13
CA TYR A 137 10.32 -10.32 4.24
C TYR A 137 10.90 -8.97 4.60
N GLY A 138 10.47 -7.95 3.90
CA GLY A 138 10.75 -6.57 4.25
C GLY A 138 9.59 -5.74 3.71
N GLU A 139 9.24 -4.69 4.45
CA GLU A 139 8.13 -3.82 4.13
C GLU A 139 8.62 -2.55 3.44
N THR A 140 8.00 -2.20 2.34
CA THR A 140 8.21 -0.92 1.69
C THR A 140 7.45 0.17 2.50
N SER A 141 8.07 1.30 2.76
CA SER A 141 7.49 2.32 3.61
C SER A 141 6.28 2.97 2.94
N PHE A 142 5.36 3.50 3.74
CA PHE A 142 4.29 4.34 3.27
C PHE A 142 4.80 5.49 2.37
N ASP A 143 5.87 6.15 2.79
CA ASP A 143 6.41 7.30 2.00
C ASP A 143 6.90 6.89 0.60
N LEU A 144 7.54 5.73 0.46
CA LEU A 144 7.94 5.25 -0.86
C LEU A 144 6.72 4.98 -1.69
N VAL A 145 5.75 4.25 -1.14
CA VAL A 145 4.54 3.95 -1.91
C VAL A 145 3.83 5.24 -2.35
N ALA A 146 3.85 6.27 -1.51
CA ALA A 146 3.20 7.53 -1.81
C ALA A 146 3.92 8.20 -2.96
N GLN A 147 5.24 8.14 -2.93
CA GLN A 147 6.02 8.66 -4.03
C GLN A 147 5.68 7.94 -5.36
N MET A 148 5.64 6.62 -5.35
CA MET A 148 5.28 5.89 -6.56
C MET A 148 3.91 6.33 -7.06
N ILE A 149 2.96 6.47 -6.13
CA ILE A 149 1.62 6.87 -6.52
C ILE A 149 1.65 8.22 -7.23
N ASP A 150 2.43 9.17 -6.69
CA ASP A 150 2.53 10.53 -7.26
C ASP A 150 3.24 10.56 -8.61
N GLU A 151 4.23 9.71 -8.80
CA GLU A 151 5.06 9.77 -10.02
C GLU A 151 4.55 8.89 -11.17
N ILE A 152 3.95 7.77 -10.86
CA ILE A 152 3.50 6.81 -11.83
C ILE A 152 2.01 7.00 -11.98
N LYS A 153 1.61 7.90 -12.86
CA LYS A 153 0.19 8.30 -12.89
C LYS A 153 -0.55 7.10 -13.42
N MET A 154 -1.58 6.69 -12.67
CA MET A 154 -2.45 5.59 -13.06
C MET A 154 -3.87 6.12 -13.33
N THR A 155 -4.55 5.49 -14.28
CA THR A 155 -5.90 5.81 -14.66
C THR A 155 -6.76 4.56 -14.50
N ASP A 156 -8.05 4.69 -14.85
CA ASP A 156 -8.96 3.57 -14.79
C ASP A 156 -8.76 2.53 -15.90
N ASP A 157 -7.81 2.76 -16.82
CA ASP A 157 -7.34 1.71 -17.74
C ASP A 157 -6.38 0.71 -17.11
N ASP A 158 -5.74 1.07 -15.99
CA ASP A 158 -4.62 0.31 -15.43
C ASP A 158 -5.05 -0.85 -14.51
N LEU A 159 -4.25 -1.91 -14.51
CA LEU A 159 -4.33 -2.98 -13.54
C LEU A 159 -3.00 -2.97 -12.79
N PHE A 160 -3.08 -3.03 -11.45
CA PHE A 160 -1.91 -2.93 -10.55
C PHE A 160 -1.71 -4.24 -9.82
N VAL A 161 -0.48 -4.75 -9.80
CA VAL A 161 -0.14 -5.95 -9.06
C VAL A 161 1.12 -5.72 -8.22
N ASP A 162 1.04 -6.11 -6.93
CA ASP A 162 2.21 -6.22 -6.07
C ASP A 162 2.59 -7.68 -6.07
N LEU A 163 3.74 -7.99 -6.65
CA LEU A 163 4.23 -9.37 -6.69
C LEU A 163 5.00 -9.72 -5.41
N GLY A 164 4.47 -10.61 -4.57
CA GLY A 164 5.05 -10.86 -3.26
C GLY A 164 4.55 -9.78 -2.32
N SER A 165 3.23 -9.78 -2.11
CA SER A 165 2.52 -8.64 -1.49
C SER A 165 2.58 -8.60 0.05
N GLY A 166 3.14 -9.65 0.67
CA GLY A 166 3.33 -9.66 2.12
C GLY A 166 1.99 -9.63 2.83
N VAL A 167 1.82 -8.68 3.75
CA VAL A 167 0.52 -8.53 4.44
C VAL A 167 -0.48 -7.65 3.67
N GLY A 168 -0.06 -7.11 2.53
CA GLY A 168 -0.96 -6.46 1.61
C GLY A 168 -1.01 -4.96 1.64
N GLN A 169 -0.19 -4.32 2.45
CA GLN A 169 -0.38 -2.90 2.74
C GLN A 169 -0.02 -1.95 1.58
N VAL A 170 0.80 -2.44 0.63
CA VAL A 170 1.09 -1.67 -0.58
C VAL A 170 -0.18 -1.61 -1.44
N VAL A 171 -0.85 -2.75 -1.60
CA VAL A 171 -2.06 -2.82 -2.40
C VAL A 171 -3.16 -1.92 -1.78
N LEU A 172 -3.31 -1.99 -0.45
CA LEU A 172 -4.34 -1.16 0.22
C LEU A 172 -4.09 0.31 -0.02
N GLN A 173 -2.83 0.73 0.10
CA GLN A 173 -2.52 2.15 -0.07
C GLN A 173 -2.81 2.60 -1.50
N VAL A 174 -2.43 1.78 -2.49
CA VAL A 174 -2.62 2.17 -3.90
C VAL A 174 -4.12 2.17 -4.25
N ALA A 175 -4.84 1.15 -3.75
CA ALA A 175 -6.27 1.05 -3.91
C ALA A 175 -7.05 2.23 -3.30
N ALA A 176 -6.61 2.73 -2.16
CA ALA A 176 -7.22 3.91 -1.54
C ALA A 176 -6.97 5.18 -2.31
N ALA A 177 -5.82 5.25 -2.99
CA ALA A 177 -5.35 6.48 -3.62
C ALA A 177 -5.63 6.61 -5.10
N THR A 178 -5.81 5.50 -5.84
CA THR A 178 -5.95 5.57 -7.34
C THR A 178 -7.26 5.04 -7.87
N ASN A 179 -7.50 5.23 -9.16
CA ASN A 179 -8.72 4.77 -9.83
CA ASN A 179 -8.71 4.80 -9.83
C ASN A 179 -8.45 3.61 -10.77
N CYS A 180 -7.41 2.79 -10.52
CA CYS A 180 -7.20 1.57 -11.31
C CYS A 180 -8.45 0.71 -11.24
N LYS A 181 -8.71 0.00 -12.34
CA LYS A 181 -9.85 -0.89 -12.47
C LYS A 181 -9.75 -2.01 -11.44
N HIS A 182 -8.56 -2.51 -11.21
CA HIS A 182 -8.36 -3.51 -10.16
C HIS A 182 -6.91 -3.51 -9.64
N HIS A 183 -6.76 -3.83 -8.35
CA HIS A 183 -5.48 -3.94 -7.68
C HIS A 183 -5.36 -5.36 -7.12
N TYR A 184 -4.21 -5.99 -7.33
CA TYR A 184 -4.01 -7.32 -6.79
C TYR A 184 -2.73 -7.34 -6.01
N GLY A 185 -2.72 -8.22 -5.01
CA GLY A 185 -1.50 -8.67 -4.39
C GLY A 185 -1.54 -10.18 -4.35
N VAL A 186 -0.38 -10.79 -4.54
CA VAL A 186 -0.20 -12.22 -4.46
C VAL A 186 0.98 -12.48 -3.57
N GLU A 187 0.80 -13.40 -2.62
CA GLU A 187 1.79 -13.77 -1.62
C GLU A 187 1.77 -15.26 -1.38
N LYS A 188 2.95 -15.88 -1.33
CA LYS A 188 3.11 -17.32 -1.24
C LYS A 188 3.23 -17.86 0.19
N ALA A 189 3.89 -17.13 1.09
CA ALA A 189 4.17 -17.65 2.43
C ALA A 189 2.92 -17.58 3.36
N ASP A 190 2.76 -18.58 4.23
CA ASP A 190 1.53 -18.75 5.01
C ASP A 190 1.34 -17.63 6.06
N ILE A 191 2.42 -17.25 6.73
CA ILE A 191 2.30 -16.29 7.81
C ILE A 191 1.82 -14.94 7.25
N PRO A 192 2.51 -14.39 6.26
CA PRO A 192 1.99 -13.10 5.76
C PRO A 192 0.63 -13.17 5.03
N ALA A 193 0.36 -14.28 4.32
CA ALA A 193 -0.92 -14.41 3.61
C ALA A 193 -2.08 -14.52 4.60
N LYS A 194 -1.84 -15.17 5.75
CA LYS A 194 -2.88 -15.24 6.82
C LYS A 194 -3.18 -13.84 7.41
N TYR A 195 -2.14 -13.08 7.74
CA TYR A 195 -2.33 -11.71 8.18
C TYR A 195 -3.02 -10.89 7.13
N ALA A 196 -2.75 -11.16 5.85
CA ALA A 196 -3.35 -10.38 4.76
C ALA A 196 -4.90 -10.50 4.77
N GLU A 197 -5.40 -11.67 5.14
CA GLU A 197 -6.83 -11.90 5.23
C GLU A 197 -7.50 -10.97 6.23
N THR A 198 -6.85 -10.77 7.37
CA THR A 198 -7.32 -9.85 8.41
C THR A 198 -7.13 -8.40 7.99
N MET A 199 -6.00 -8.10 7.32
CA MET A 199 -5.76 -6.76 6.86
C MET A 199 -6.87 -6.32 5.95
N ASP A 200 -7.26 -7.21 5.06
CA ASP A 200 -8.35 -6.98 4.09
C ASP A 200 -9.67 -6.65 4.81
N ARG A 201 -10.05 -7.49 5.77
CA ARG A 201 -11.29 -7.29 6.49
CA ARG A 201 -11.29 -7.29 6.55
C ARG A 201 -11.23 -5.97 7.28
N GLU A 202 -10.11 -5.71 7.96
CA GLU A 202 -9.96 -4.50 8.78
C GLU A 202 -9.93 -3.20 7.94
N PHE A 203 -9.28 -3.26 6.81
CA PHE A 203 -9.26 -2.13 5.89
C PHE A 203 -10.67 -1.78 5.41
N ARG A 204 -11.43 -2.76 4.93
CA ARG A 204 -12.82 -2.51 4.44
C ARG A 204 -13.72 -1.92 5.55
N LYS A 205 -13.58 -2.50 6.75
CA LYS A 205 -14.30 -2.02 7.92
C LYS A 205 -13.93 -0.57 8.28
N TRP A 206 -12.65 -0.30 8.41
CA TRP A 206 -12.23 1.05 8.82
C TRP A 206 -12.51 2.09 7.75
N MET A 207 -12.32 1.74 6.49
CA MET A 207 -12.67 2.69 5.44
C MET A 207 -14.18 3.05 5.46
N LYS A 208 -15.05 2.06 5.71
CA LYS A 208 -16.48 2.35 5.84
C LYS A 208 -16.72 3.25 7.06
N TRP A 209 -16.01 2.98 8.16
CA TRP A 209 -16.14 3.74 9.38
C TRP A 209 -15.87 5.23 9.18
N TYR A 210 -14.78 5.54 8.49
CA TYR A 210 -14.43 6.91 8.16
C TYR A 210 -15.29 7.47 7.04
N GLY A 211 -16.00 6.62 6.31
CA GLY A 211 -16.81 7.08 5.16
C GLY A 211 -15.96 7.37 3.91
N LYS A 212 -14.89 6.60 3.70
CA LYS A 212 -14.01 6.83 2.54
C LYS A 212 -14.04 5.67 1.54
N LYS A 213 -13.85 6.03 0.27
CA LYS A 213 -13.93 5.11 -0.87
C LYS A 213 -12.53 4.49 -1.15
N HIS A 214 -12.50 3.25 -1.62
CA HIS A 214 -11.32 2.66 -2.24
C HIS A 214 -11.69 2.06 -3.60
N ALA A 215 -10.70 1.90 -4.47
CA ALA A 215 -10.90 1.14 -5.72
C ALA A 215 -10.90 -0.35 -5.43
N GLU A 216 -11.30 -1.14 -6.41
CA GLU A 216 -11.38 -2.58 -6.28
C GLU A 216 -9.99 -3.19 -6.06
N TYR A 217 -9.89 -4.12 -5.12
CA TYR A 217 -8.69 -4.87 -4.88
C TYR A 217 -8.98 -6.28 -4.37
N THR A 218 -8.01 -7.16 -4.57
CA THR A 218 -8.05 -8.52 -4.09
C THR A 218 -6.66 -8.89 -3.59
N LEU A 219 -6.59 -9.54 -2.43
CA LEU A 219 -5.36 -10.09 -1.88
C LEU A 219 -5.47 -11.61 -1.94
N GLU A 220 -4.51 -12.26 -2.63
CA GLU A 220 -4.54 -13.71 -2.88
C GLU A 220 -3.32 -14.39 -2.29
N ARG A 221 -3.52 -15.63 -1.82
CA ARG A 221 -2.45 -16.57 -1.56
C ARG A 221 -2.13 -17.23 -2.92
N GLY A 222 -0.91 -17.07 -3.42
CA GLY A 222 -0.47 -17.78 -4.62
C GLY A 222 1.03 -17.65 -4.84
N ASP A 223 1.48 -18.23 -5.95
CA ASP A 223 2.87 -18.24 -6.34
C ASP A 223 2.94 -17.50 -7.69
N PHE A 224 3.63 -16.34 -7.75
CA PHE A 224 3.62 -15.55 -8.99
C PHE A 224 4.51 -16.12 -10.11
N LEU A 225 5.16 -17.24 -9.87
CA LEU A 225 5.91 -18.01 -10.87
C LEU A 225 5.10 -19.12 -11.51
N SER A 226 3.87 -19.33 -11.04
CA SER A 226 2.99 -20.36 -11.56
C SER A 226 2.58 -20.05 -12.99
N GLU A 227 2.08 -21.11 -13.63
CA GLU A 227 1.62 -21.03 -15.00
C GLU A 227 0.50 -20.03 -15.15
N GLU A 228 -0.47 -20.04 -14.22
CA GLU A 228 -1.60 -19.07 -14.21
C GLU A 228 -1.04 -17.65 -14.24
N TRP A 229 0.00 -17.38 -13.45
CA TRP A 229 0.50 -16.03 -13.32
C TRP A 229 1.29 -15.50 -14.51
N ARG A 230 1.73 -16.38 -15.42
CA ARG A 230 2.41 -15.90 -16.65
C ARG A 230 1.55 -14.93 -17.44
N GLU A 231 0.30 -15.32 -17.69
CA GLU A 231 -0.65 -14.50 -18.48
C GLU A 231 -1.11 -13.28 -17.65
N ARG A 232 -1.30 -13.48 -16.36
CA ARG A 232 -1.73 -12.37 -15.52
C ARG A 232 -0.68 -11.27 -15.55
N ILE A 233 0.57 -11.64 -15.38
CA ILE A 233 1.65 -10.67 -15.48
C ILE A 233 1.64 -10.00 -16.87
N ALA A 234 1.45 -10.78 -17.94
CA ALA A 234 1.41 -10.23 -19.29
C ALA A 234 0.32 -9.16 -19.50
N ASN A 235 -0.81 -9.34 -18.82
CA ASN A 235 -1.97 -8.44 -18.96
CA ASN A 235 -1.99 -8.45 -18.93
C ASN A 235 -2.03 -7.33 -17.86
N THR A 236 -0.96 -7.23 -17.04
CA THR A 236 -0.88 -6.21 -15.97
C THR A 236 -0.17 -4.98 -16.52
N SER A 237 -0.71 -3.80 -16.25
CA SER A 237 -0.08 -2.57 -16.76
C SER A 237 0.94 -1.92 -15.77
N VAL A 238 0.81 -2.18 -14.47
CA VAL A 238 1.76 -1.62 -13.46
C VAL A 238 2.03 -2.68 -12.43
N ILE A 239 3.28 -3.08 -12.36
CA ILE A 239 3.75 -4.06 -11.40
C ILE A 239 4.60 -3.35 -10.36
N PHE A 240 4.33 -3.64 -9.09
CA PHE A 240 5.24 -3.27 -8.07
C PHE A 240 5.87 -4.56 -7.56
N VAL A 241 7.19 -4.56 -7.37
CA VAL A 241 7.87 -5.76 -6.87
C VAL A 241 9.12 -5.44 -6.06
N ASN A 242 9.06 -5.79 -4.78
CA ASN A 242 10.15 -5.56 -3.86
C ASN A 242 11.04 -6.78 -3.93
N ASN A 243 11.90 -6.78 -4.95
CA ASN A 243 12.72 -7.94 -5.29
C ASN A 243 14.12 -7.85 -4.69
N PHE A 244 14.30 -7.01 -3.65
CA PHE A 244 15.65 -6.83 -3.09
CA PHE A 244 15.58 -6.82 -2.95
C PHE A 244 16.33 -8.13 -2.67
N ALA A 245 15.62 -9.11 -2.14
CA ALA A 245 16.22 -10.37 -1.70
C ALA A 245 15.83 -11.58 -2.54
N PHE A 246 15.15 -11.36 -3.66
CA PHE A 246 14.75 -12.49 -4.54
C PHE A 246 15.92 -13.23 -5.13
N GLY A 247 16.98 -12.51 -5.48
CA GLY A 247 18.17 -13.11 -6.09
C GLY A 247 18.08 -13.33 -7.60
N PRO A 248 19.21 -13.71 -8.23
CA PRO A 248 19.32 -13.73 -9.70
C PRO A 248 18.48 -14.78 -10.45
N GLU A 249 18.28 -15.97 -9.87
CA GLU A 249 17.42 -16.98 -10.49
C GLU A 249 15.96 -16.49 -10.56
N VAL A 250 15.42 -16.04 -9.44
CA VAL A 250 14.06 -15.57 -9.40
C VAL A 250 13.91 -14.34 -10.29
N ASP A 251 14.88 -13.43 -10.30
CA ASP A 251 14.76 -12.23 -11.17
C ASP A 251 14.78 -12.60 -12.66
N HIS A 252 15.62 -13.58 -13.01
CA HIS A 252 15.67 -14.10 -14.38
C HIS A 252 14.29 -14.64 -14.82
N GLN A 253 13.64 -15.39 -13.95
CA GLN A 253 12.30 -15.89 -14.22
C GLN A 253 11.30 -14.77 -14.39
N LEU A 254 11.42 -13.73 -13.56
CA LEU A 254 10.55 -12.56 -13.68
C LEU A 254 10.76 -11.83 -15.01
N LYS A 255 12.01 -11.62 -15.41
CA LYS A 255 12.33 -11.09 -16.76
C LYS A 255 11.63 -11.83 -17.88
N GLU A 256 11.61 -13.17 -17.79
CA GLU A 256 10.93 -14.03 -18.81
CA GLU A 256 10.98 -13.96 -18.83
C GLU A 256 9.48 -13.65 -18.84
N ARG A 257 8.89 -13.39 -17.69
CA ARG A 257 7.48 -13.03 -17.66
C ARG A 257 7.21 -11.59 -18.11
N PHE A 258 8.06 -10.67 -17.73
CA PHE A 258 7.91 -9.28 -18.16
C PHE A 258 8.06 -9.07 -19.66
N ALA A 259 8.83 -9.95 -20.34
CA ALA A 259 9.00 -9.84 -21.80
C ALA A 259 7.71 -9.97 -22.60
N ASN A 260 6.62 -10.41 -21.99
CA ASN A 260 5.30 -10.48 -22.66
C ASN A 260 4.36 -9.33 -22.35
N MET A 261 4.81 -8.35 -21.56
CA MET A 261 3.94 -7.22 -21.21
C MET A 261 3.73 -6.31 -22.43
N LYS A 262 2.67 -5.53 -22.37
CA LYS A 262 2.31 -4.63 -23.46
C LYS A 262 3.19 -3.38 -23.43
N GLU A 263 3.39 -2.79 -24.59
CA GLU A 263 3.95 -1.44 -24.77
C GLU A 263 3.41 -0.48 -23.67
N GLY A 264 4.33 0.24 -23.03
CA GLY A 264 3.99 1.19 -21.99
C GLY A 264 3.72 0.59 -20.61
N GLY A 265 3.81 -0.73 -20.46
CA GLY A 265 3.65 -1.36 -19.17
C GLY A 265 4.83 -0.94 -18.33
N ARG A 266 4.61 -0.87 -17.02
CA ARG A 266 5.61 -0.33 -16.10
C ARG A 266 5.83 -1.25 -14.93
N ILE A 267 7.09 -1.33 -14.49
CA ILE A 267 7.47 -2.15 -13.37
C ILE A 267 8.28 -1.25 -12.43
N VAL A 268 7.86 -1.18 -11.16
CA VAL A 268 8.57 -0.42 -10.13
C VAL A 268 9.19 -1.47 -9.21
N SER A 269 10.50 -1.39 -8.96
CA SER A 269 11.17 -2.44 -8.20
C SER A 269 12.30 -1.88 -7.32
N SER A 270 12.75 -2.70 -6.38
CA SER A 270 13.85 -2.31 -5.49
C SER A 270 15.21 -2.67 -6.08
N LYS A 271 15.28 -3.62 -7.01
CA LYS A 271 16.53 -3.89 -7.73
C LYS A 271 16.21 -3.89 -9.23
N PRO A 272 17.04 -3.20 -10.03
CA PRO A 272 16.77 -3.07 -11.46
C PRO A 272 16.83 -4.41 -12.21
N PHE A 273 15.86 -4.65 -13.06
CA PHE A 273 15.87 -5.78 -13.98
C PHE A 273 16.76 -5.66 -15.20
N ALA A 274 17.22 -4.46 -15.55
CA ALA A 274 18.24 -4.27 -16.59
C ALA A 274 19.17 -3.13 -16.15
N PRO A 275 20.39 -3.08 -16.69
CA PRO A 275 21.29 -1.96 -16.37
C PRO A 275 20.77 -0.60 -16.82
N LEU A 276 21.09 0.43 -16.03
CA LEU A 276 20.67 1.79 -16.35
C LEU A 276 21.37 2.35 -17.58
N ASN A 277 22.56 1.82 -17.86
CA ASN A 277 23.41 2.24 -18.97
C ASN A 277 23.33 1.26 -20.18
N PHE A 278 22.19 0.59 -20.39
CA PHE A 278 22.10 -0.48 -21.38
C PHE A 278 22.26 0.06 -22.78
N ARG A 279 23.30 -0.39 -23.49
CA ARG A 279 23.48 -0.05 -24.89
C ARG A 279 23.22 -1.35 -25.66
N ILE A 280 22.20 -1.32 -26.51
CA ILE A 280 21.88 -2.44 -27.40
C ILE A 280 23.02 -2.69 -28.38
N ASN A 281 23.44 -3.95 -28.46
CA ASN A 281 24.45 -4.37 -29.44
C ASN A 281 24.24 -5.84 -29.84
N SER A 282 25.15 -6.31 -30.67
CA SER A 282 25.17 -7.61 -31.27
C SER A 282 25.12 -8.81 -30.34
N ARG A 283 25.63 -8.67 -29.12
CA ARG A 283 25.76 -9.79 -28.19
C ARG A 283 24.65 -9.84 -27.17
N ASN A 284 23.87 -8.77 -27.04
CA ASN A 284 22.85 -8.69 -25.96
C ASN A 284 21.42 -8.60 -26.50
N LEU A 285 21.24 -8.95 -27.77
CA LEU A 285 19.93 -8.92 -28.45
C LEU A 285 18.78 -9.58 -27.75
N SER A 286 19.08 -10.64 -27.02
CA SER A 286 18.11 -11.36 -26.25
C SER A 286 17.78 -10.72 -24.85
N ASP A 287 18.63 -9.82 -24.35
CA ASP A 287 18.45 -9.24 -22.98
C ASP A 287 17.18 -8.36 -22.87
N ILE A 288 16.57 -8.39 -21.68
CA ILE A 288 15.33 -7.64 -21.48
C ILE A 288 15.52 -6.13 -21.61
N GLY A 289 16.76 -5.64 -21.45
CA GLY A 289 17.14 -4.24 -21.74
C GLY A 289 16.85 -3.72 -23.13
N THR A 290 16.66 -4.64 -24.08
CA THR A 290 16.27 -4.31 -25.46
C THR A 290 14.87 -3.77 -25.57
N ILE A 291 14.01 -4.09 -24.60
CA ILE A 291 12.60 -3.67 -24.68
C ILE A 291 12.14 -2.79 -23.52
N MET A 292 13.06 -2.23 -22.73
CA MET A 292 12.64 -1.33 -21.62
C MET A 292 13.59 -0.19 -21.31
N ARG A 293 13.01 1.01 -21.10
CA ARG A 293 13.69 2.14 -20.42
C ARG A 293 13.71 1.85 -18.92
N VAL A 294 14.84 2.06 -18.28
CA VAL A 294 14.99 1.97 -16.82
C VAL A 294 15.47 3.33 -16.30
N VAL A 295 14.81 3.84 -15.26
CA VAL A 295 15.30 5.04 -14.55
C VAL A 295 15.19 4.81 -13.06
N GLU A 296 16.11 5.41 -12.35
CA GLU A 296 16.16 5.40 -10.91
C GLU A 296 15.24 6.50 -10.44
N LEU A 297 14.27 6.16 -9.63
CA LEU A 297 13.42 7.18 -9.00
C LEU A 297 14.27 8.04 -8.03
N SER A 298 13.86 9.31 -7.91
CA SER A 298 14.47 10.25 -7.01
C SER A 298 14.41 9.70 -5.57
N PRO A 299 15.53 9.70 -4.85
CA PRO A 299 15.43 9.35 -3.44
C PRO A 299 14.63 10.40 -2.69
N LEU A 300 13.89 9.97 -1.72
CA LEU A 300 13.23 10.89 -0.77
C LEU A 300 14.30 11.49 0.13
N LYS A 301 14.22 12.79 0.38
CA LYS A 301 15.19 13.49 1.25
C LYS A 301 15.40 12.81 2.63
N GLY A 302 16.69 12.67 2.97
CA GLY A 302 17.16 12.03 4.20
C GLY A 302 16.63 10.62 4.51
N SER A 303 16.33 9.83 3.48
CA SER A 303 16.00 8.40 3.64
C SER A 303 17.26 7.58 3.35
N VAL A 304 18.00 7.20 4.40
CA VAL A 304 19.15 6.26 4.31
C VAL A 304 18.70 4.77 4.41
N SER A 305 19.33 3.92 3.58
CA SER A 305 19.22 2.45 3.71
C SER A 305 20.17 1.99 4.83
N TRP A 306 20.04 0.71 5.18
CA TRP A 306 21.01 0.04 6.06
C TRP A 306 22.47 0.12 5.52
N THR A 307 22.61 0.10 4.19
CA THR A 307 23.91 0.29 3.48
C THR A 307 24.57 1.66 3.68
N GLY A 308 23.83 2.64 4.19
CA GLY A 308 24.32 4.02 4.39
C GLY A 308 23.87 4.95 3.27
N LYS A 309 23.95 4.45 2.02
CA LYS A 309 23.49 5.19 0.85
C LYS A 309 21.95 5.33 0.87
N PRO A 310 21.38 6.34 0.15
CA PRO A 310 19.90 6.51 0.09
C PRO A 310 19.11 5.35 -0.58
N VAL A 311 17.82 5.22 -0.24
CA VAL A 311 17.05 4.04 -0.69
C VAL A 311 16.71 4.21 -2.16
N SER A 312 16.94 3.13 -2.92
CA SER A 312 16.90 3.14 -4.39
C SER A 312 15.72 2.28 -4.86
N TYR A 313 14.74 2.90 -5.53
CA TYR A 313 13.71 2.19 -6.34
C TYR A 313 13.84 2.57 -7.87
N TYR A 314 13.36 1.67 -8.73
CA TYR A 314 13.63 1.71 -10.19
C TYR A 314 12.36 1.56 -10.97
N LEU A 315 12.20 2.41 -11.99
CA LEU A 315 11.03 2.37 -12.85
C LEU A 315 11.43 1.89 -14.26
N HIS A 316 10.77 0.82 -14.70
CA HIS A 316 11.01 0.18 -16.02
C HIS A 316 9.79 0.43 -16.87
N THR A 317 9.97 0.92 -18.09
CA THR A 317 8.85 1.13 -19.01
C THR A 317 9.07 0.32 -20.31
N ILE A 318 8.11 -0.53 -20.67
CA ILE A 318 8.22 -1.38 -21.84
C ILE A 318 8.15 -0.51 -23.08
N ASP A 319 9.19 -0.60 -23.89
CA ASP A 319 9.40 0.30 -24.99
C ASP A 319 10.23 -0.44 -26.04
N ARG A 320 9.52 -1.11 -26.94
CA ARG A 320 10.16 -1.89 -28.01
C ARG A 320 10.68 -1.04 -29.15
N THR A 321 10.45 0.28 -29.14
CA THR A 321 11.09 1.16 -30.17
C THR A 321 12.62 1.12 -30.02
N ILE A 322 13.12 0.76 -28.83
CA ILE A 322 14.57 0.68 -28.64
C ILE A 322 15.15 -0.32 -29.63
N LEU A 323 14.47 -1.47 -29.69
CA LEU A 323 14.83 -2.61 -30.49
C LEU A 323 14.56 -2.37 -31.95
N GLU A 324 13.39 -1.78 -32.24
CA GLU A 324 13.03 -1.39 -33.62
C GLU A 324 14.07 -0.47 -34.22
N ASN A 325 14.61 0.46 -33.42
CA ASN A 325 15.63 1.40 -33.88
C ASN A 325 16.98 0.75 -34.05
N TYR A 326 17.31 -0.21 -33.20
CA TYR A 326 18.50 -1.00 -33.42
C TYR A 326 18.45 -1.67 -34.80
N PHE A 327 17.33 -2.32 -35.10
CA PHE A 327 17.20 -3.01 -36.39
C PHE A 327 17.18 -2.07 -37.58
N SER A 328 16.54 -0.89 -37.46
CA SER A 328 16.58 0.13 -38.54
C SER A 328 18.02 0.63 -38.74
N SER A 329 18.75 0.82 -37.65
CA SER A 329 20.19 1.20 -37.75
C SER A 329 21.09 0.20 -38.48
N LEU A 330 20.82 -1.10 -38.34
CA LEU A 330 21.63 -2.12 -39.02
C LEU A 330 21.43 -2.12 -40.53
N LYS A 331 20.38 -1.44 -41.01
CA LYS A 331 20.19 -1.20 -42.44
C LYS A 331 21.03 -0.02 -43.01
N ASN A 332 21.84 0.65 -42.16
CA ASN A 332 22.66 1.83 -42.54
C ASN A 332 24.16 1.75 -42.14
N PRO A 333 25.06 2.36 -42.94
CA PRO A 333 26.42 2.66 -42.43
C PRO A 333 26.45 3.81 -41.40
#